data_3C5X
#
_entry.id   3C5X
#
_cell.length_a   71.209
_cell.length_b   108.595
_cell.length_c   108.738
_cell.angle_alpha   90.00
_cell.angle_beta   90.00
_cell.angle_gamma   90.00
#
_symmetry.space_group_name_H-M   'P 21 21 2'
#
loop_
_entity.id
_entity.type
_entity.pdbx_description
1 polymer 'Envelope protein E'
2 polymer prM
3 branched 2-acetamido-2-deoxy-alpha-D-glucopyranose-(1-4)-2-acetamido-2-deoxy-beta-D-glucopyranose
4 branched beta-D-mannopyranose-(1-3)-[beta-D-mannopyranose-(1-6)]alpha-D-altropyranose-(1-4)-2-acetamido-2-deoxy-beta-D-glucopyranose-(1-4)-2-acetamido-2-deoxy-beta-D-glucopyranose
5 water water
#
loop_
_entity_poly.entity_id
_entity_poly.type
_entity_poly.pdbx_seq_one_letter_code
_entity_poly.pdbx_strand_id
1 'polypeptide(L)'
;GENLYFQGMRCIGMSNRDFVEGVSGGSWVDIVLEHGSCVTTMAKNKPTLDFELIKTEAKQPATLRKYCIEAKLTNTTTES
RCPTQGEPSLNEEQDKRFVCKHSMVDRGWGNGCGLFGKGGIVTCAMFRCKKNMEGKVVQPENLEYTIVITPHSGEEHAVG
NDTGKHGKEIKITPQSSITEAELTGYGTVTMECSPRTGLDFNEMVLLQMENKAWLVHRQWFLDLPLPWLPGADTQGSNWI
QKETLVTFKNPHAKKQDVVVLGSQEGAMHTALTGATEIQMSSGNLLFTGHLKCRLRMDKLQLKGMSYSMCTGKFKVVKEI
AETQHGTIVIRVQYEGDGSPCKIPFEIMDLEKRHVLGRLITVNPIVTEKDSPVNIEAEPPFGDSYIIIGVEPGQLKLNWF
KK
;
A
2 'polypeptide(L)'
;FHLTTRNGEPHMIVSRQEKGKSLLFKTEDGVNMCTLMAMDLGELCEDTITYKCPLLRQNEPEDIDCWCNSTSTWVTYGTC
TTMGEHSTEKSSVALVPHVGMGLETRTETWMSSEGAWKHVQRIETWILRH
;
C
#
# COMPACT_ATOMS: atom_id res chain seq x y z
N TYR A 5 9.10 16.94 25.94
CA TYR A 5 10.05 18.06 25.79
C TYR A 5 11.51 17.70 26.12
N PHE A 6 11.75 16.44 26.47
CA PHE A 6 13.12 15.99 26.79
C PHE A 6 13.42 14.55 26.37
N GLN A 7 14.71 14.26 26.17
CA GLN A 7 15.14 12.93 25.74
C GLN A 7 14.84 11.82 26.73
N GLY A 8 13.90 10.94 26.37
CA GLY A 8 13.53 9.84 27.23
C GLY A 8 12.11 9.97 27.74
N MET A 9 11.52 11.13 27.52
CA MET A 9 10.16 11.42 27.96
C MET A 9 9.14 10.49 27.32
N ARG A 10 9.31 10.22 26.03
CA ARG A 10 8.36 9.37 25.32
C ARG A 10 8.14 8.02 26.00
N CYS A 11 9.23 7.34 26.35
CA CYS A 11 9.11 6.04 26.99
C CYS A 11 8.53 6.18 28.40
N ILE A 12 8.91 7.25 29.09
CA ILE A 12 8.40 7.48 30.44
C ILE A 12 6.88 7.61 30.38
N GLY A 13 6.39 8.28 29.34
CA GLY A 13 4.97 8.48 29.19
C GLY A 13 4.17 7.27 28.73
N MET A 14 4.86 6.22 28.29
CA MET A 14 4.16 5.02 27.84
C MET A 14 3.75 4.13 29.01
N SER A 15 2.57 3.55 28.93
CA SER A 15 2.09 2.70 29.99
C SER A 15 2.72 1.32 29.88
N ASN A 16 3.06 0.91 28.66
CA ASN A 16 3.72 -0.39 28.47
C ASN A 16 5.23 -0.15 28.38
N ARG A 17 5.89 -0.22 29.53
CA ARG A 17 7.31 0.01 29.61
C ARG A 17 7.99 -1.08 30.44
N ASP A 18 8.97 -1.76 29.87
CA ASP A 18 9.70 -2.79 30.60
C ASP A 18 11.05 -2.22 31.03
N PHE A 19 11.55 -2.69 32.17
CA PHE A 19 12.84 -2.27 32.65
C PHE A 19 13.65 -3.56 32.60
N VAL A 20 14.71 -3.56 31.82
CA VAL A 20 15.54 -4.75 31.69
C VAL A 20 16.97 -4.47 32.11
N GLU A 21 17.58 -5.44 32.78
CA GLU A 21 18.95 -5.32 33.24
C GLU A 21 19.60 -6.71 33.24
N GLY A 22 20.85 -6.79 32.79
CA GLY A 22 21.54 -8.06 32.73
C GLY A 22 22.20 -8.51 34.02
N VAL A 23 22.17 -9.81 34.27
CA VAL A 23 22.76 -10.39 35.48
C VAL A 23 24.27 -10.60 35.35
N SER A 24 24.81 -10.29 34.19
CA SER A 24 26.25 -10.47 33.96
C SER A 24 26.87 -9.16 33.46
N GLY A 25 28.18 -9.16 33.30
CA GLY A 25 28.88 -7.98 32.82
C GLY A 25 29.47 -8.30 31.47
N GLY A 26 29.09 -7.54 30.45
CA GLY A 26 29.60 -7.78 29.11
C GLY A 26 28.81 -8.87 28.41
N SER A 27 27.77 -9.37 29.05
CA SER A 27 26.96 -10.42 28.44
C SER A 27 25.83 -9.81 27.63
N TRP A 28 25.11 -10.67 26.91
CA TRP A 28 23.97 -10.20 26.14
C TRP A 28 22.81 -9.97 27.09
N VAL A 29 21.84 -9.17 26.65
CA VAL A 29 20.63 -8.91 27.43
C VAL A 29 19.47 -9.01 26.43
N ASP A 30 18.44 -9.76 26.81
CA ASP A 30 17.30 -9.94 25.92
C ASP A 30 16.16 -8.97 26.23
N ILE A 31 15.51 -8.50 25.17
CA ILE A 31 14.39 -7.58 25.32
C ILE A 31 13.34 -7.97 24.29
N VAL A 32 12.10 -7.57 24.53
CA VAL A 32 11.01 -7.88 23.62
C VAL A 32 10.39 -6.55 23.19
N LEU A 33 10.24 -6.37 21.88
CA LEU A 33 9.69 -5.13 21.38
C LEU A 33 8.35 -5.33 20.68
N GLU A 34 7.42 -4.45 20.99
CA GLU A 34 6.07 -4.46 20.45
C GLU A 34 5.74 -3.02 20.10
N HIS A 35 4.88 -2.82 19.11
CA HIS A 35 4.48 -1.46 18.73
C HIS A 35 3.68 -0.91 19.92
N GLY A 36 3.81 0.39 20.17
CA GLY A 36 3.07 0.98 21.27
C GLY A 36 3.70 0.86 22.65
N SER A 37 4.77 0.09 22.78
CA SER A 37 5.44 -0.03 24.07
C SER A 37 6.93 0.23 23.94
N CYS A 38 7.63 0.28 25.07
CA CYS A 38 9.07 0.54 25.04
C CYS A 38 9.82 -0.24 26.12
N VAL A 39 11.13 -0.28 25.98
CA VAL A 39 11.97 -0.98 26.93
C VAL A 39 13.09 -0.07 27.37
N THR A 40 13.31 -0.03 28.69
CA THR A 40 14.37 0.77 29.27
C THR A 40 15.43 -0.19 29.79
N THR A 41 16.63 -0.13 29.20
CA THR A 41 17.72 -1.00 29.65
C THR A 41 18.64 -0.18 30.50
N MET A 42 19.20 -0.81 31.52
CA MET A 42 20.13 -0.15 32.42
C MET A 42 21.24 -1.13 32.75
N ALA A 43 22.40 -0.58 33.08
CA ALA A 43 23.56 -1.41 33.42
C ALA A 43 24.52 -0.57 34.25
N LYS A 44 25.29 -1.23 35.10
CA LYS A 44 26.25 -0.52 35.94
C LYS A 44 27.27 0.26 35.11
N ASN A 45 27.36 1.55 35.39
CA ASN A 45 28.29 2.45 34.70
C ASN A 45 28.02 2.67 33.23
N LYS A 46 26.80 2.38 32.80
CA LYS A 46 26.45 2.59 31.43
C LYS A 46 25.19 3.40 31.32
N PRO A 47 25.09 4.23 30.28
CA PRO A 47 23.89 5.05 30.15
C PRO A 47 22.65 4.21 29.99
N THR A 48 21.53 4.75 30.48
CA THR A 48 20.26 4.06 30.38
C THR A 48 19.73 4.37 28.99
N LEU A 49 19.20 3.35 28.32
CA LEU A 49 18.66 3.47 26.96
C LEU A 49 17.20 3.04 26.81
N ASP A 50 16.50 3.68 25.89
CA ASP A 50 15.10 3.36 25.62
C ASP A 50 15.03 2.77 24.21
N PHE A 51 14.29 1.69 24.05
CA PHE A 51 14.14 1.04 22.76
C PHE A 51 12.66 1.00 22.39
N GLU A 52 12.36 1.27 21.13
CA GLU A 52 10.98 1.22 20.69
C GLU A 52 10.89 0.80 19.23
N LEU A 53 10.09 -0.22 18.95
CA LEU A 53 9.86 -0.65 17.58
C LEU A 53 8.78 0.30 17.10
N ILE A 54 9.08 1.15 16.10
CA ILE A 54 8.08 2.10 15.63
C ILE A 54 7.43 1.77 14.29
N LYS A 55 8.06 0.95 13.47
CA LYS A 55 7.46 0.61 12.19
C LYS A 55 7.88 -0.74 11.64
N THR A 56 6.95 -1.41 10.99
CA THR A 56 7.19 -2.72 10.38
C THR A 56 6.53 -2.64 9.01
N GLU A 57 7.33 -2.64 7.95
CA GLU A 57 6.75 -2.53 6.62
C GLU A 57 7.37 -3.46 5.59
N ALA A 58 6.55 -3.81 4.60
CA ALA A 58 7.00 -4.67 3.53
C ALA A 58 7.42 -3.74 2.40
N LYS A 59 8.56 -4.01 1.80
CA LYS A 59 9.01 -3.17 0.70
C LYS A 59 9.02 -3.98 -0.59
N GLN A 60 8.48 -3.39 -1.65
CA GLN A 60 8.43 -4.02 -2.95
C GLN A 60 8.00 -5.49 -2.86
N PRO A 61 6.85 -5.76 -2.21
CA PRO A 61 6.42 -7.16 -2.13
C PRO A 61 5.97 -7.61 -3.52
N ALA A 62 6.18 -8.88 -3.83
CA ALA A 62 5.83 -9.40 -5.15
C ALA A 62 4.34 -9.39 -5.46
N THR A 63 4.00 -8.93 -6.65
CA THR A 63 2.61 -8.88 -7.10
C THR A 63 2.23 -10.27 -7.61
N LEU A 64 1.19 -10.84 -7.01
CA LEU A 64 0.73 -12.16 -7.41
C LEU A 64 -0.13 -12.04 -8.67
N ARG A 65 -1.07 -11.10 -8.64
CA ARG A 65 -1.97 -10.94 -9.77
C ARG A 65 -2.67 -9.57 -9.80
N LYS A 66 -2.89 -9.05 -11.00
CA LYS A 66 -3.59 -7.79 -11.21
C LYS A 66 -4.99 -8.12 -11.74
N TYR A 67 -6.01 -7.48 -11.17
CA TYR A 67 -7.39 -7.72 -11.61
C TYR A 67 -8.01 -6.45 -12.18
N CYS A 68 -8.69 -6.57 -13.32
CA CYS A 68 -9.34 -5.41 -13.89
C CYS A 68 -10.72 -5.32 -13.22
N ILE A 69 -11.08 -4.14 -12.73
CA ILE A 69 -12.39 -3.97 -12.08
C ILE A 69 -13.27 -2.97 -12.82
N GLU A 70 -12.73 -2.40 -13.88
CA GLU A 70 -13.46 -1.45 -14.71
C GLU A 70 -12.81 -1.41 -16.08
N ALA A 71 -13.62 -1.59 -17.11
CA ALA A 71 -13.11 -1.60 -18.48
C ALA A 71 -14.01 -0.91 -19.49
N LYS A 72 -13.43 -0.60 -20.64
CA LYS A 72 -14.15 0.03 -21.72
C LYS A 72 -13.99 -0.83 -22.97
N LEU A 73 -14.91 -0.68 -23.91
CA LEU A 73 -14.86 -1.42 -25.17
C LEU A 73 -14.86 -0.50 -26.38
N THR A 74 -14.04 -0.84 -27.37
CA THR A 74 -14.00 -0.08 -28.61
C THR A 74 -13.77 -1.09 -29.73
N ASN A 75 -13.77 -0.63 -30.98
CA ASN A 75 -13.51 -1.52 -32.11
C ASN A 75 -14.40 -2.74 -32.23
N THR A 76 -15.69 -2.61 -31.98
CA THR A 76 -16.56 -3.76 -32.11
C THR A 76 -16.67 -4.13 -33.58
N THR A 77 -16.34 -5.37 -33.92
CA THR A 77 -16.40 -5.84 -35.29
C THR A 77 -17.09 -7.20 -35.35
N THR A 78 -17.95 -7.40 -36.35
CA THR A 78 -18.64 -8.68 -36.49
C THR A 78 -18.45 -9.30 -37.87
N GLU A 79 -18.25 -10.62 -37.89
CA GLU A 79 -18.06 -11.39 -39.11
C GLU A 79 -18.95 -12.64 -39.04
N SER A 80 -19.73 -12.91 -40.08
CA SER A 80 -20.60 -14.09 -40.04
C SER A 80 -20.64 -14.80 -41.41
N ARG A 81 -20.89 -16.10 -41.39
CA ARG A 81 -20.95 -16.84 -42.64
C ARG A 81 -22.27 -17.58 -42.80
N CYS A 82 -22.55 -17.99 -44.04
CA CYS A 82 -23.77 -18.72 -44.36
C CYS A 82 -23.75 -20.17 -43.89
N PRO A 83 -24.92 -20.81 -43.78
CA PRO A 83 -24.92 -22.21 -43.35
C PRO A 83 -24.12 -23.05 -44.36
N THR A 84 -23.43 -24.06 -43.85
CA THR A 84 -22.59 -24.97 -44.64
C THR A 84 -21.32 -24.28 -45.14
N GLN A 85 -20.93 -23.09 -44.69
CA GLN A 85 -19.72 -22.39 -45.12
C GLN A 85 -18.58 -22.37 -44.12
N GLY A 86 -18.81 -23.05 -42.89
CA GLY A 86 -17.74 -23.07 -41.92
C GLY A 86 -17.72 -21.93 -40.92
N GLU A 87 -16.71 -21.97 -40.04
CA GLU A 87 -16.55 -20.96 -39.00
C GLU A 87 -15.89 -19.70 -39.52
N PRO A 88 -16.51 -18.54 -39.23
CA PRO A 88 -15.93 -17.27 -39.68
C PRO A 88 -14.77 -16.92 -38.75
N SER A 89 -13.93 -15.97 -39.17
CA SER A 89 -12.82 -15.55 -38.34
C SER A 89 -12.48 -14.09 -38.54
N LEU A 90 -11.79 -13.53 -37.56
CA LEU A 90 -11.35 -12.14 -37.61
C LEU A 90 -9.90 -12.12 -37.15
N ASN A 91 -9.10 -11.24 -37.73
CA ASN A 91 -7.70 -11.14 -37.34
C ASN A 91 -7.60 -10.78 -35.85
N GLU A 92 -8.49 -9.90 -35.41
CA GLU A 92 -8.53 -9.46 -34.03
C GLU A 92 -8.53 -10.63 -33.06
N GLU A 93 -8.93 -11.81 -33.52
CA GLU A 93 -8.96 -12.98 -32.64
C GLU A 93 -7.55 -13.35 -32.19
N GLN A 94 -6.55 -12.83 -32.89
CA GLN A 94 -5.17 -13.11 -32.53
C GLN A 94 -4.63 -11.99 -31.63
N ASP A 95 -5.21 -10.81 -31.75
CA ASP A 95 -4.79 -9.67 -30.94
C ASP A 95 -5.30 -9.86 -29.51
N LYS A 96 -4.36 -10.05 -28.58
CA LYS A 96 -4.68 -10.27 -27.18
C LYS A 96 -5.44 -9.14 -26.46
N ARG A 97 -5.57 -7.99 -27.12
CA ARG A 97 -6.29 -6.88 -26.51
C ARG A 97 -7.80 -7.03 -26.72
N PHE A 98 -8.20 -7.94 -27.61
CA PHE A 98 -9.61 -8.14 -27.92
C PHE A 98 -10.30 -9.31 -27.25
N VAL A 99 -11.59 -9.11 -26.92
CA VAL A 99 -12.39 -10.17 -26.34
C VAL A 99 -13.29 -10.58 -27.52
N CYS A 100 -13.39 -11.87 -27.80
CA CYS A 100 -14.19 -12.33 -28.92
C CYS A 100 -15.09 -13.50 -28.53
N LYS A 101 -16.10 -13.75 -29.34
CA LYS A 101 -17.01 -14.86 -29.08
C LYS A 101 -17.56 -15.39 -30.39
N HIS A 102 -17.59 -16.72 -30.51
CA HIS A 102 -18.13 -17.40 -31.67
C HIS A 102 -19.51 -17.87 -31.27
N SER A 103 -20.48 -17.72 -32.18
CA SER A 103 -21.86 -18.13 -31.94
C SER A 103 -22.43 -18.65 -33.25
N MET A 104 -23.70 -19.02 -33.22
CA MET A 104 -24.41 -19.48 -34.41
C MET A 104 -25.60 -18.53 -34.46
N VAL A 105 -26.06 -18.19 -35.66
CA VAL A 105 -27.19 -17.29 -35.82
C VAL A 105 -27.98 -17.69 -37.09
N ASP A 106 -29.28 -17.44 -37.07
CA ASP A 106 -30.13 -17.76 -38.22
C ASP A 106 -29.72 -16.92 -39.41
N ARG A 107 -29.59 -17.57 -40.57
CA ARG A 107 -29.23 -16.88 -41.81
C ARG A 107 -30.24 -17.30 -42.89
N GLY A 108 -30.30 -16.56 -43.98
CA GLY A 108 -31.24 -16.89 -45.03
C GLY A 108 -31.22 -15.94 -46.21
N TRP A 109 -32.21 -16.07 -47.11
CA TRP A 109 -32.26 -15.23 -48.30
C TRP A 109 -32.37 -13.74 -47.99
N GLY A 110 -33.02 -13.41 -46.89
CA GLY A 110 -33.18 -12.02 -46.52
C GLY A 110 -31.89 -11.33 -46.07
N ASN A 111 -30.83 -12.11 -45.87
CA ASN A 111 -29.57 -11.50 -45.45
C ASN A 111 -28.32 -12.03 -46.17
N GLY A 112 -28.49 -12.32 -47.46
CA GLY A 112 -27.37 -12.76 -48.28
C GLY A 112 -26.99 -14.22 -48.42
N CYS A 113 -27.76 -15.13 -47.83
CA CYS A 113 -27.43 -16.55 -47.94
C CYS A 113 -28.38 -17.28 -48.86
N GLY A 114 -27.84 -18.20 -49.66
CA GLY A 114 -28.67 -18.95 -50.58
C GLY A 114 -29.46 -20.06 -49.91
N LEU A 115 -29.19 -20.31 -48.65
CA LEU A 115 -29.86 -21.38 -47.92
C LEU A 115 -30.28 -20.91 -46.53
N PHE A 116 -31.46 -21.33 -46.09
CA PHE A 116 -31.93 -20.97 -44.75
C PHE A 116 -31.29 -21.95 -43.79
N GLY A 117 -30.87 -21.46 -42.63
CA GLY A 117 -30.22 -22.29 -41.65
C GLY A 117 -29.33 -21.45 -40.77
N LYS A 118 -28.61 -22.09 -39.86
CA LYS A 118 -27.73 -21.38 -38.96
C LYS A 118 -26.32 -21.25 -39.51
N GLY A 119 -25.75 -20.06 -39.36
CA GLY A 119 -24.41 -19.80 -39.84
C GLY A 119 -23.54 -19.40 -38.67
N GLY A 120 -22.23 -19.52 -38.84
CA GLY A 120 -21.34 -19.14 -37.76
C GLY A 120 -21.12 -17.64 -37.75
N ILE A 121 -21.00 -17.08 -36.57
CA ILE A 121 -20.79 -15.65 -36.43
C ILE A 121 -19.75 -15.42 -35.35
N VAL A 122 -18.93 -14.40 -35.53
CA VAL A 122 -17.92 -14.07 -34.54
C VAL A 122 -17.84 -12.56 -34.36
N THR A 123 -17.75 -12.14 -33.12
CA THR A 123 -17.69 -10.73 -32.82
C THR A 123 -16.52 -10.44 -31.88
N CYS A 124 -15.78 -9.38 -32.16
CA CYS A 124 -14.66 -9.00 -31.31
C CYS A 124 -14.77 -7.52 -30.94
N ALA A 125 -14.19 -7.17 -29.80
CA ALA A 125 -14.20 -5.79 -29.31
C ALA A 125 -12.90 -5.58 -28.53
N MET A 126 -12.30 -4.41 -28.67
CA MET A 126 -11.06 -4.15 -27.95
C MET A 126 -11.38 -3.89 -26.49
N PHE A 127 -10.70 -4.62 -25.62
CA PHE A 127 -10.90 -4.49 -24.18
C PHE A 127 -9.83 -3.56 -23.62
N ARG A 128 -10.26 -2.56 -22.86
CA ARG A 128 -9.30 -1.63 -22.25
C ARG A 128 -9.61 -1.42 -20.77
N CYS A 129 -8.69 -1.85 -19.91
CA CYS A 129 -8.91 -1.69 -18.48
C CYS A 129 -8.76 -0.22 -18.11
N LYS A 130 -9.68 0.28 -17.29
CA LYS A 130 -9.66 1.67 -16.86
C LYS A 130 -9.33 1.78 -15.38
N LYS A 131 -9.35 0.65 -14.68
CA LYS A 131 -9.06 0.62 -13.26
C LYS A 131 -8.85 -0.81 -12.78
N ASN A 132 -7.75 -1.05 -12.09
CA ASN A 132 -7.44 -2.39 -11.59
C ASN A 132 -7.03 -2.39 -10.13
N MET A 133 -6.98 -3.57 -9.55
CA MET A 133 -6.56 -3.74 -8.17
C MET A 133 -5.41 -4.75 -8.20
N GLU A 134 -4.63 -4.81 -7.12
CA GLU A 134 -3.48 -5.72 -7.04
C GLU A 134 -3.44 -6.63 -5.83
N GLY A 135 -3.05 -7.86 -6.05
CA GLY A 135 -2.92 -8.81 -4.98
C GLY A 135 -1.44 -9.07 -4.80
N LYS A 136 -0.90 -8.71 -3.64
CA LYS A 136 0.52 -8.89 -3.36
C LYS A 136 0.81 -9.92 -2.27
N VAL A 137 1.96 -10.57 -2.37
CA VAL A 137 2.37 -11.56 -1.39
C VAL A 137 3.63 -11.07 -0.70
N VAL A 138 3.52 -10.73 0.58
CA VAL A 138 4.66 -10.24 1.34
C VAL A 138 5.51 -11.39 1.87
N GLN A 139 6.81 -11.30 1.60
CA GLN A 139 7.77 -12.30 2.07
C GLN A 139 8.23 -11.91 3.46
N PRO A 140 7.79 -12.68 4.48
CA PRO A 140 8.16 -12.43 5.88
C PRO A 140 9.65 -12.17 5.99
N GLU A 141 10.42 -12.91 5.20
CA GLU A 141 11.88 -12.82 5.15
C GLU A 141 12.42 -11.42 4.85
N ASN A 142 11.60 -10.54 4.30
CA ASN A 142 12.07 -9.22 3.95
C ASN A 142 11.36 -8.02 4.57
N LEU A 143 10.54 -8.25 5.59
CA LEU A 143 9.86 -7.15 6.26
C LEU A 143 10.94 -6.29 6.90
N GLU A 144 10.78 -4.97 6.86
CA GLU A 144 11.77 -4.08 7.44
C GLU A 144 11.26 -3.44 8.73
N TYR A 145 11.98 -3.68 9.83
CA TYR A 145 11.60 -3.14 11.14
C TYR A 145 12.42 -1.92 11.52
N THR A 146 11.74 -0.87 11.98
CA THR A 146 12.43 0.34 12.38
C THR A 146 12.42 0.44 13.91
N ILE A 147 13.60 0.53 14.50
CA ILE A 147 13.73 0.62 15.96
C ILE A 147 14.41 1.92 16.31
N VAL A 148 13.89 2.62 17.31
CA VAL A 148 14.46 3.89 17.74
C VAL A 148 15.12 3.64 19.10
N ILE A 149 16.40 3.99 19.19
CA ILE A 149 17.17 3.80 20.41
C ILE A 149 17.47 5.20 20.93
N THR A 150 16.85 5.55 22.06
CA THR A 150 17.01 6.88 22.64
C THR A 150 17.80 6.90 23.94
N PRO A 151 18.89 7.68 23.99
CA PRO A 151 19.66 7.75 25.22
C PRO A 151 18.75 8.39 26.26
N HIS A 152 18.47 7.67 27.34
CA HIS A 152 17.60 8.17 28.40
C HIS A 152 18.42 9.13 29.25
N SER A 153 18.57 10.35 28.75
CA SER A 153 19.38 11.38 29.42
C SER A 153 18.57 12.46 30.10
N GLY A 154 17.32 12.63 29.69
CA GLY A 154 16.50 13.68 30.27
C GLY A 154 16.94 15.04 29.71
N GLU A 155 17.68 14.99 28.61
CA GLU A 155 18.18 16.19 27.95
C GLU A 155 17.06 16.92 27.23
N GLU A 156 16.63 18.04 27.81
CA GLU A 156 15.59 18.82 27.17
C GLU A 156 16.28 19.38 25.94
N HIS A 157 15.49 19.75 24.94
CA HIS A 157 16.09 20.32 23.75
C HIS A 157 15.02 20.48 22.69
N GLY A 164 16.62 18.31 17.31
CA GLY A 164 18.06 18.34 17.33
C GLY A 164 18.66 17.11 18.00
N LYS A 165 18.07 16.70 19.12
CA LYS A 165 18.54 15.54 19.89
C LYS A 165 17.62 14.32 19.69
N HIS A 166 17.42 13.92 18.44
CA HIS A 166 16.57 12.79 18.12
C HIS A 166 17.27 11.44 18.32
N GLY A 167 16.49 10.44 18.73
CA GLY A 167 17.05 9.11 18.96
C GLY A 167 17.61 8.44 17.71
N LYS A 168 18.48 7.47 17.92
CA LYS A 168 19.09 6.74 16.82
C LYS A 168 18.10 5.75 16.20
N GLU A 169 17.78 5.96 14.94
CA GLU A 169 16.84 5.11 14.23
C GLU A 169 17.61 4.07 13.41
N ILE A 170 17.23 2.79 13.55
CA ILE A 170 17.88 1.72 12.80
C ILE A 170 16.84 0.85 12.11
N LYS A 171 17.15 0.42 10.89
CA LYS A 171 16.25 -0.42 10.13
C LYS A 171 16.91 -1.76 9.87
N ILE A 172 16.19 -2.83 10.16
CA ILE A 172 16.70 -4.17 9.96
C ILE A 172 15.63 -5.10 9.41
N THR A 173 16.07 -6.22 8.85
CA THR A 173 15.17 -7.21 8.31
C THR A 173 15.63 -8.52 8.94
N PRO A 174 14.83 -9.58 8.81
CA PRO A 174 15.25 -10.86 9.43
C PRO A 174 16.49 -11.45 8.77
N GLN A 175 16.98 -10.81 7.71
CA GLN A 175 18.17 -11.29 7.01
C GLN A 175 19.41 -10.49 7.41
N SER A 176 19.18 -9.38 8.11
CA SER A 176 20.26 -8.51 8.55
C SER A 176 21.21 -9.23 9.50
N SER A 177 22.45 -8.78 9.55
CA SER A 177 23.42 -9.37 10.46
C SER A 177 23.39 -8.47 11.69
N ILE A 178 24.13 -8.83 12.75
CA ILE A 178 24.15 -8.03 13.96
C ILE A 178 24.35 -6.56 13.64
N THR A 179 23.61 -5.70 14.33
CA THR A 179 23.69 -4.26 14.12
C THR A 179 24.56 -3.57 15.15
N GLU A 180 25.36 -2.61 14.69
CA GLU A 180 26.22 -1.82 15.55
C GLU A 180 25.73 -0.37 15.42
N ALA A 181 24.84 0.03 16.32
CA ALA A 181 24.29 1.37 16.26
C ALA A 181 25.11 2.35 17.08
N GLU A 182 25.46 3.46 16.48
CA GLU A 182 26.23 4.46 17.19
C GLU A 182 25.33 5.48 17.86
N LEU A 183 25.63 5.78 19.10
CA LEU A 183 24.89 6.77 19.87
C LEU A 183 25.89 7.88 20.14
N THR A 184 25.67 9.01 19.46
CA THR A 184 26.56 10.16 19.56
C THR A 184 26.96 10.51 21.00
N GLY A 185 28.24 10.31 21.31
CA GLY A 185 28.74 10.63 22.63
C GLY A 185 28.79 9.48 23.62
N TYR A 186 28.09 8.39 23.34
CA TYR A 186 28.06 7.26 24.25
C TYR A 186 28.82 6.07 23.69
N GLY A 187 28.96 6.03 22.37
CA GLY A 187 29.64 4.92 21.75
C GLY A 187 28.65 4.18 20.88
N THR A 188 28.72 2.86 20.90
CA THR A 188 27.81 2.08 20.07
C THR A 188 27.24 0.92 20.86
N VAL A 189 26.03 0.52 20.50
CA VAL A 189 25.37 -0.59 21.16
C VAL A 189 25.14 -1.61 20.07
N THR A 190 25.41 -2.88 20.36
CA THR A 190 25.21 -3.92 19.37
C THR A 190 23.94 -4.70 19.65
N MET A 191 23.19 -5.00 18.60
CA MET A 191 21.97 -5.75 18.79
C MET A 191 21.58 -6.60 17.60
N GLU A 192 20.86 -7.67 17.89
CA GLU A 192 20.38 -8.58 16.87
C GLU A 192 18.93 -8.84 17.19
N CYS A 193 18.10 -8.97 16.18
CA CYS A 193 16.68 -9.23 16.42
C CYS A 193 16.13 -10.30 15.50
N SER A 194 15.06 -10.95 15.95
CA SER A 194 14.41 -11.96 15.15
C SER A 194 12.92 -11.76 15.29
N PRO A 195 12.16 -11.96 14.20
CA PRO A 195 10.71 -11.79 14.18
C PRO A 195 9.98 -12.72 15.14
N ARG A 196 8.67 -12.83 14.95
CA ARG A 196 7.81 -13.66 15.79
C ARG A 196 6.36 -13.37 15.42
N GLY A 198 4.05 -14.29 13.31
CA GLY A 198 3.74 -13.98 11.93
C GLY A 198 2.25 -14.01 11.64
N LEU A 199 1.90 -14.18 10.38
CA LEU A 199 0.57 -13.83 9.90
C LEU A 199 0.02 -14.89 8.95
N PHE A 201 1.22 -14.96 5.91
CA PHE A 201 1.65 -15.23 4.54
C PHE A 201 2.32 -16.60 4.43
N ASN A 202 1.52 -17.65 4.56
CA ASN A 202 1.51 -18.73 3.58
C ASN A 202 0.09 -19.22 3.29
N GLU A 203 -0.55 -18.62 2.30
CA GLU A 203 -1.92 -18.15 2.44
C GLU A 203 -2.88 -16.99 2.60
N MET A 204 -2.32 -15.80 2.80
CA MET A 204 -3.15 -14.59 2.91
C MET A 204 -2.46 -13.82 1.79
N VAL A 205 -3.27 -13.16 0.96
CA VAL A 205 -2.76 -12.13 0.06
C VAL A 205 -3.13 -10.74 0.54
N LEU A 206 -2.42 -9.74 0.04
CA LEU A 206 -2.71 -8.35 0.38
C LEU A 206 -3.27 -7.63 -0.84
N LEU A 207 -4.60 -7.50 -0.88
CA LEU A 207 -5.27 -6.87 -2.00
C LEU A 207 -5.24 -5.35 -1.88
N GLN A 208 -4.83 -4.68 -2.96
CA GLN A 208 -4.76 -3.23 -2.98
C GLN A 208 -5.68 -2.65 -4.06
N MET A 209 -6.61 -1.79 -3.64
CA MET A 209 -7.79 -1.50 -4.44
C MET A 209 -7.66 -0.15 -5.15
N GLU A 210 -7.39 0.89 -4.37
CA GLU A 210 -6.95 2.17 -4.91
C GLU A 210 -5.68 2.65 -4.23
N ASN A 211 -5.84 3.26 -3.05
CA ASN A 211 -4.78 3.27 -2.05
C ASN A 211 -5.29 2.88 -0.67
N LYS A 212 -6.17 1.89 -0.62
CA LYS A 212 -6.31 1.04 0.56
C LYS A 212 -5.92 -0.39 0.26
N ALA A 213 -5.71 -1.17 1.31
CA ALA A 213 -5.34 -2.58 1.17
C ALA A 213 -6.00 -3.43 2.24
N TRP A 214 -6.10 -4.73 1.98
CA TRP A 214 -6.79 -5.66 2.88
C TRP A 214 -6.09 -7.00 2.93
N LEU A 215 -6.19 -7.64 4.09
CA LEU A 215 -5.60 -8.96 4.28
C LEU A 215 -6.69 -9.92 3.84
N VAL A 216 -6.41 -10.71 2.80
CA VAL A 216 -7.39 -11.66 2.28
C VAL A 216 -6.78 -13.04 2.04
N HIS A 217 -7.65 -14.05 1.95
CA HIS A 217 -7.21 -15.43 1.71
C HIS A 217 -6.76 -15.66 0.27
N ARG A 218 -5.67 -16.42 0.12
CA ARG A 218 -5.11 -16.73 -1.19
C ARG A 218 -6.11 -17.25 -2.22
N GLN A 219 -6.73 -18.39 -1.92
CA GLN A 219 -7.71 -18.99 -2.83
C GLN A 219 -8.89 -18.09 -3.17
N TRP A 220 -9.42 -17.38 -2.18
CA TRP A 220 -10.54 -16.49 -2.42
C TRP A 220 -10.15 -15.49 -3.49
N PHE A 221 -8.95 -14.92 -3.33
CA PHE A 221 -8.39 -13.94 -4.25
C PHE A 221 -8.20 -14.52 -5.65
N LEU A 222 -7.66 -15.74 -5.71
CA LEU A 222 -7.40 -16.40 -6.97
C LEU A 222 -8.67 -16.89 -7.68
N ASP A 223 -9.79 -16.91 -6.96
CA ASP A 223 -11.05 -17.36 -7.54
C ASP A 223 -11.96 -16.23 -7.98
N LEU A 224 -11.54 -14.99 -7.73
CA LEU A 224 -12.35 -13.84 -8.12
C LEU A 224 -12.74 -13.88 -9.60
N PRO A 225 -14.03 -13.69 -9.89
CA PRO A 225 -14.54 -13.71 -11.26
C PRO A 225 -14.28 -12.37 -11.95
N LEU A 226 -13.02 -12.11 -12.26
CA LEU A 226 -12.64 -10.86 -12.93
C LEU A 226 -11.47 -11.13 -13.85
N PRO A 227 -11.25 -10.25 -14.85
CA PRO A 227 -10.14 -10.42 -15.79
C PRO A 227 -8.82 -10.17 -15.04
N TRP A 228 -7.78 -10.91 -15.41
CA TRP A 228 -6.50 -10.74 -14.71
C TRP A 228 -5.25 -10.89 -15.57
N LEU A 229 -4.14 -10.48 -14.98
CA LEU A 229 -2.82 -10.55 -15.59
C LEU A 229 -1.87 -11.01 -14.49
N PRO A 230 -1.00 -11.98 -14.79
CA PRO A 230 -0.06 -12.46 -13.75
C PRO A 230 0.87 -11.33 -13.31
N GLY A 231 1.30 -11.37 -12.05
CA GLY A 231 2.17 -10.35 -11.49
C GLY A 231 3.32 -9.88 -12.37
N ALA A 232 4.02 -10.82 -13.00
CA ALA A 232 5.15 -10.49 -13.86
C ALA A 232 4.81 -9.50 -14.97
N ASP A 233 3.56 -9.50 -15.42
CA ASP A 233 3.14 -8.61 -16.50
C ASP A 233 3.36 -7.13 -16.24
N THR A 234 3.97 -6.47 -17.21
CA THR A 234 4.24 -5.04 -17.13
C THR A 234 3.52 -4.36 -18.30
N GLN A 235 3.15 -5.19 -19.27
CA GLN A 235 2.45 -4.74 -20.48
C GLN A 235 1.03 -4.31 -20.14
N GLY A 236 0.32 -5.16 -19.40
CA GLY A 236 -1.03 -4.86 -18.97
C GLY A 236 -2.10 -4.59 -20.02
N SER A 237 -2.28 -5.53 -20.94
CA SER A 237 -3.29 -5.35 -21.97
C SER A 237 -3.87 -6.70 -22.40
N ASN A 238 -3.11 -7.77 -22.22
CA ASN A 238 -3.58 -9.10 -22.60
C ASN A 238 -4.33 -9.79 -21.48
N TRP A 239 -5.36 -9.12 -20.96
CA TRP A 239 -6.14 -9.66 -19.87
C TRP A 239 -6.73 -11.04 -20.12
N ILE A 240 -6.73 -11.85 -19.07
CA ILE A 240 -7.25 -13.20 -19.11
C ILE A 240 -8.66 -13.18 -18.54
N GLN A 241 -9.57 -13.98 -19.11
CA GLN A 241 -10.94 -14.01 -18.63
C GLN A 241 -11.63 -12.66 -18.85
N LYS A 242 -11.40 -12.03 -19.98
CA LYS A 242 -12.03 -10.75 -20.28
C LYS A 242 -13.55 -10.88 -20.23
N GLU A 243 -14.05 -12.02 -20.71
CA GLU A 243 -15.50 -12.27 -20.75
C GLU A 243 -16.21 -12.11 -19.42
N THR A 244 -15.46 -12.06 -18.32
CA THR A 244 -16.08 -11.89 -17.00
C THR A 244 -16.66 -10.47 -16.84
N LEU A 245 -16.13 -9.52 -17.60
CA LEU A 245 -16.62 -8.14 -17.54
C LEU A 245 -17.32 -7.76 -18.85
N VAL A 246 -17.69 -8.77 -19.63
CA VAL A 246 -18.32 -8.52 -20.93
C VAL A 246 -19.53 -9.39 -21.19
N THR A 247 -20.53 -8.82 -21.87
CA THR A 247 -21.72 -9.57 -22.20
C THR A 247 -22.01 -9.47 -23.70
N PHE A 248 -21.99 -10.60 -24.39
CA PHE A 248 -22.29 -10.61 -25.81
C PHE A 248 -23.80 -10.84 -25.90
N LYS A 249 -24.51 -9.91 -26.54
CA LYS A 249 -25.96 -10.02 -26.70
C LYS A 249 -26.24 -11.04 -27.81
N ASN A 250 -27.50 -11.47 -27.91
CA ASN A 250 -27.89 -12.41 -28.95
C ASN A 250 -27.53 -11.82 -30.30
N PRO A 251 -26.91 -12.62 -31.16
CA PRO A 251 -26.52 -12.15 -32.49
C PRO A 251 -27.64 -11.97 -33.50
N HIS A 252 -27.37 -11.14 -34.50
CA HIS A 252 -28.30 -10.94 -35.59
C HIS A 252 -27.49 -11.46 -36.77
N ALA A 253 -28.12 -11.58 -37.92
CA ALA A 253 -27.46 -12.09 -39.11
C ALA A 253 -26.06 -11.55 -39.40
N LYS A 254 -25.89 -10.23 -39.36
CA LYS A 254 -24.60 -9.62 -39.68
C LYS A 254 -23.92 -8.80 -38.59
N LYS A 255 -24.59 -8.60 -37.46
CA LYS A 255 -24.02 -7.82 -36.37
C LYS A 255 -24.47 -8.35 -35.02
N GLN A 256 -23.78 -7.91 -33.97
CA GLN A 256 -24.05 -8.34 -32.61
C GLN A 256 -23.49 -7.31 -31.65
N ASP A 257 -24.27 -6.97 -30.63
CA ASP A 257 -23.82 -5.99 -29.65
C ASP A 257 -23.03 -6.66 -28.53
N VAL A 258 -22.07 -5.92 -27.99
CA VAL A 258 -21.24 -6.38 -26.90
C VAL A 258 -21.24 -5.27 -25.86
N VAL A 259 -21.56 -5.60 -24.62
CA VAL A 259 -21.61 -4.61 -23.56
C VAL A 259 -20.71 -5.00 -22.41
N VAL A 260 -20.05 -4.01 -21.83
CA VAL A 260 -19.15 -4.22 -20.71
C VAL A 260 -19.90 -3.92 -19.44
N LEU A 261 -19.68 -4.72 -18.39
CA LEU A 261 -20.33 -4.47 -17.12
C LEU A 261 -19.75 -3.18 -16.54
N GLY A 262 -20.41 -2.63 -15.54
CA GLY A 262 -19.89 -1.40 -14.95
C GLY A 262 -18.81 -1.69 -13.92
N SER A 263 -18.17 -0.64 -13.43
CA SER A 263 -17.11 -0.78 -12.42
C SER A 263 -17.54 -1.71 -11.31
N GLN A 264 -16.61 -2.54 -10.84
CA GLN A 264 -16.88 -3.48 -9.77
C GLN A 264 -16.23 -3.03 -8.47
N GLU A 265 -15.83 -1.77 -8.40
CA GLU A 265 -15.19 -1.25 -7.20
C GLU A 265 -16.17 -1.41 -6.04
N GLY A 266 -17.37 -0.85 -6.18
CA GLY A 266 -18.36 -0.97 -5.14
C GLY A 266 -18.62 -2.41 -4.76
N ALA A 267 -18.62 -3.29 -5.76
CA ALA A 267 -18.85 -4.71 -5.51
C ALA A 267 -17.72 -5.27 -4.67
N MET A 268 -16.50 -4.79 -4.92
CA MET A 268 -15.35 -5.26 -4.17
C MET A 268 -15.37 -4.74 -2.75
N HIS A 269 -15.54 -3.42 -2.59
CA HIS A 269 -15.60 -2.83 -1.25
C HIS A 269 -16.61 -3.59 -0.40
N THR A 270 -17.68 -4.06 -1.03
CA THR A 270 -18.71 -4.82 -0.32
C THR A 270 -18.23 -6.21 0.01
N ALA A 271 -17.60 -6.87 -0.95
CA ALA A 271 -17.09 -8.22 -0.73
C ALA A 271 -15.94 -8.19 0.27
N LEU A 272 -15.44 -6.99 0.55
CA LEU A 272 -14.35 -6.81 1.50
C LEU A 272 -14.82 -6.32 2.85
N THR A 273 -16.01 -6.77 3.26
CA THR A 273 -16.55 -6.38 4.55
C THR A 273 -16.06 -7.38 5.61
N GLY A 274 -15.32 -6.87 6.58
CA GLY A 274 -14.81 -7.73 7.63
C GLY A 274 -13.36 -8.15 7.43
N ALA A 275 -12.88 -8.04 6.19
CA ALA A 275 -11.50 -8.40 5.89
C ALA A 275 -10.57 -7.45 6.63
N THR A 276 -9.49 -7.98 7.20
CA THR A 276 -8.54 -7.18 7.95
C THR A 276 -7.91 -6.10 7.09
N GLU A 277 -8.24 -4.84 7.37
CA GLU A 277 -7.68 -3.75 6.59
C GLU A 277 -6.24 -3.50 6.99
N ILE A 278 -5.37 -3.39 5.99
CA ILE A 278 -3.97 -3.14 6.24
C ILE A 278 -3.63 -1.72 5.84
N GLN A 279 -3.02 -0.97 6.75
CA GLN A 279 -2.64 0.40 6.48
C GLN A 279 -1.43 0.35 5.55
N MET A 280 -1.16 1.45 4.89
CA MET A 280 -0.01 1.51 3.98
C MET A 280 0.37 2.95 3.72
N SER A 281 1.62 3.15 3.31
CA SER A 281 2.11 4.49 3.04
C SER A 281 3.20 4.47 1.97
N SER A 282 3.16 5.46 1.08
CA SER A 282 4.12 5.55 0.00
C SER A 282 4.16 4.23 -0.78
N GLY A 283 3.01 3.58 -0.86
CA GLY A 283 2.92 2.33 -1.60
C GLY A 283 3.34 1.09 -0.84
N ASN A 284 3.90 1.26 0.35
CA ASN A 284 4.34 0.11 1.14
C ASN A 284 3.27 -0.29 2.15
N LEU A 285 3.15 -1.60 2.39
CA LEU A 285 2.17 -2.10 3.34
C LEU A 285 2.80 -2.04 4.73
N LEU A 286 2.03 -1.57 5.71
CA LEU A 286 2.53 -1.49 7.08
C LEU A 286 1.85 -2.53 7.93
N PHE A 287 2.62 -3.14 8.83
CA PHE A 287 2.07 -4.14 9.73
C PHE A 287 2.52 -3.79 11.15
N THR A 288 2.01 -4.53 12.11
CA THR A 288 2.39 -4.32 13.50
C THR A 288 3.24 -5.54 13.85
N GLY A 289 4.56 -5.35 13.87
CA GLY A 289 5.47 -6.43 14.14
C GLY A 289 5.76 -6.78 15.59
N HIS A 290 6.49 -7.87 15.77
CA HIS A 290 6.88 -8.36 17.08
C HIS A 290 8.33 -8.81 16.99
N LEU A 291 9.19 -8.20 17.80
CA LEU A 291 10.60 -8.56 17.80
C LEU A 291 11.12 -9.03 19.15
N LYS A 292 12.12 -9.90 19.06
CA LYS A 292 12.83 -10.40 20.23
C LYS A 292 14.25 -10.03 19.88
N CYS A 293 14.90 -9.27 20.74
CA CYS A 293 16.26 -8.84 20.46
C CYS A 293 17.23 -9.09 21.60
N ARG A 294 18.50 -9.20 21.27
CA ARG A 294 19.54 -9.37 22.27
C ARG A 294 20.47 -8.18 22.02
N LEU A 295 20.93 -7.56 23.09
CA LEU A 295 21.81 -6.42 22.92
C LEU A 295 22.97 -6.51 23.87
N ARG A 296 24.09 -5.91 23.47
CA ARG A 296 25.30 -5.92 24.28
C ARG A 296 25.72 -4.45 24.44
N MET A 297 26.21 -4.10 25.62
CA MET A 297 26.59 -2.72 25.90
C MET A 297 28.07 -2.50 26.21
N ASP A 298 28.90 -3.50 25.98
CA ASP A 298 30.33 -3.36 26.26
C ASP A 298 30.99 -2.23 25.47
N LYS A 299 30.35 -1.73 24.43
CA LYS A 299 30.93 -0.64 23.66
C LYS A 299 30.30 0.72 23.95
N LEU A 300 29.44 0.78 24.97
CA LEU A 300 28.81 2.04 25.38
C LEU A 300 29.55 2.57 26.59
N GLN A 301 29.40 3.86 26.86
CA GLN A 301 30.02 4.44 28.04
C GLN A 301 29.26 5.69 28.37
N LEU A 302 29.45 6.16 29.60
CA LEU A 302 28.80 7.37 30.08
C LEU A 302 29.41 8.57 29.40
N LYS A 303 28.61 9.61 29.24
CA LYS A 303 29.05 10.84 28.62
C LYS A 303 29.38 11.89 29.68
N GLY A 304 30.53 12.53 29.54
CA GLY A 304 30.90 13.57 30.47
C GLY A 304 31.59 13.24 31.78
N MET A 305 32.68 12.49 31.73
CA MET A 305 33.42 12.19 32.96
C MET A 305 34.41 13.35 33.11
N SER A 306 34.69 13.98 31.98
CA SER A 306 35.60 15.13 31.90
C SER A 306 35.04 16.29 32.72
N TYR A 307 33.73 16.26 32.95
CA TYR A 307 33.07 17.31 33.71
C TYR A 307 33.27 17.18 35.21
N SER A 308 33.02 18.28 35.92
CA SER A 308 33.14 18.30 37.37
C SER A 308 31.75 18.55 37.95
N MET A 309 31.59 18.26 39.25
CA MET A 309 30.31 18.44 39.93
C MET A 309 29.92 19.91 40.04
N CYS A 310 28.77 20.26 39.49
CA CYS A 310 28.10 21.50 39.83
C CYS A 310 28.24 21.81 41.32
N THR A 311 28.64 23.05 41.63
CA THR A 311 28.49 23.58 42.98
C THR A 311 27.78 24.92 42.96
N GLY A 312 26.78 25.05 42.10
CA GLY A 312 25.85 26.15 42.16
C GLY A 312 24.53 25.77 42.80
N LYS A 313 23.55 26.67 42.71
CA LYS A 313 22.18 26.34 43.12
C LYS A 313 21.34 25.91 41.92
N PHE A 314 20.53 24.88 42.13
CA PHE A 314 19.46 24.54 41.19
C PHE A 314 18.11 25.03 41.68
N LYS A 315 17.14 25.08 40.78
CA LYS A 315 15.79 25.47 41.14
C LYS A 315 14.87 24.49 40.42
N VAL A 316 13.96 23.89 41.17
CA VAL A 316 13.04 22.94 40.59
C VAL A 316 12.11 23.71 39.68
N VAL A 317 12.37 23.60 38.38
CA VAL A 317 11.60 24.28 37.34
C VAL A 317 10.09 24.15 37.47
N LYS A 318 9.61 22.95 37.80
CA LYS A 318 8.18 22.76 37.92
C LYS A 318 7.79 21.80 39.04
N GLU A 319 6.53 21.36 38.98
CA GLU A 319 5.98 20.44 39.94
C GLU A 319 6.53 19.05 39.68
N ILE A 320 7.13 18.43 40.70
CA ILE A 320 7.69 17.08 40.54
C ILE A 320 6.57 16.15 40.09
N ALA A 321 6.81 15.38 39.03
CA ALA A 321 5.79 14.49 38.51
C ALA A 321 6.00 13.01 38.82
N GLU A 322 4.91 12.32 39.09
CA GLU A 322 4.94 10.89 39.38
C GLU A 322 4.63 10.19 38.08
N THR A 323 5.33 9.09 37.80
CA THR A 323 5.09 8.36 36.57
C THR A 323 4.27 7.12 36.86
N GLN A 324 3.89 6.42 35.79
CA GLN A 324 3.12 5.19 35.90
C GLN A 324 4.03 4.05 36.30
N HIS A 325 5.33 4.32 36.44
CA HIS A 325 6.26 3.24 36.73
C HIS A 325 7.00 3.30 38.05
N GLY A 326 6.41 3.93 39.05
CA GLY A 326 7.06 3.99 40.35
C GLY A 326 8.28 4.87 40.43
N THR A 327 8.40 5.82 39.51
CA THR A 327 9.53 6.74 39.50
C THR A 327 8.98 8.15 39.47
N ILE A 328 9.87 9.13 39.53
CA ILE A 328 9.48 10.53 39.49
C ILE A 328 10.38 11.31 38.53
N VAL A 329 9.84 12.37 37.94
CA VAL A 329 10.61 13.21 37.04
C VAL A 329 10.76 14.60 37.66
N ILE A 330 11.99 14.94 38.03
CA ILE A 330 12.29 16.23 38.64
C ILE A 330 12.96 17.15 37.61
N ARG A 331 12.27 18.23 37.23
CA ARG A 331 12.81 19.17 36.26
C ARG A 331 13.56 20.29 36.99
N VAL A 332 14.88 20.28 36.89
CA VAL A 332 15.70 21.30 37.55
C VAL A 332 16.39 22.25 36.56
N GLN A 333 16.75 23.43 37.04
CA GLN A 333 17.43 24.42 36.21
C GLN A 333 18.63 24.96 36.98
N TYR A 334 19.80 24.91 36.35
CA TYR A 334 21.01 25.38 36.99
C TYR A 334 21.06 26.90 36.98
N GLU A 335 21.35 27.49 38.13
CA GLU A 335 21.44 28.94 38.25
C GLU A 335 22.89 29.35 38.56
N GLY A 336 23.77 28.35 38.66
CA GLY A 336 25.17 28.64 38.93
C GLY A 336 25.96 28.83 37.63
N ASP A 337 27.28 28.92 37.77
CA ASP A 337 28.21 29.10 36.64
C ASP A 337 29.17 27.89 36.67
N GLY A 338 29.69 27.49 35.52
CA GLY A 338 30.60 26.34 35.49
C GLY A 338 30.08 25.11 34.75
N SER A 339 29.11 25.35 33.86
CA SER A 339 28.47 24.29 33.06
C SER A 339 28.97 24.38 31.61
N PRO A 340 28.95 23.26 30.85
CA PRO A 340 28.48 21.92 31.23
C PRO A 340 29.14 21.46 32.50
N CYS A 341 28.30 21.02 33.44
CA CYS A 341 28.81 20.51 34.70
C CYS A 341 27.91 19.33 35.05
N LYS A 342 28.41 18.47 35.92
CA LYS A 342 27.68 17.29 36.37
C LYS A 342 26.70 17.71 37.48
N ILE A 343 25.46 17.20 37.44
CA ILE A 343 24.47 17.54 38.46
C ILE A 343 24.59 16.62 39.69
N PRO A 344 24.86 17.19 40.87
CA PRO A 344 24.98 16.37 42.09
C PRO A 344 23.57 15.90 42.44
N PHE A 345 23.42 14.61 42.73
CA PHE A 345 22.09 14.07 43.00
C PHE A 345 22.17 12.78 43.82
N GLU A 346 21.36 12.70 44.87
CA GLU A 346 21.33 11.49 45.71
C GLU A 346 20.03 11.33 46.49
N ILE A 347 19.57 10.09 46.61
CA ILE A 347 18.35 9.78 47.35
C ILE A 347 18.71 9.04 48.63
N MET A 348 18.27 9.56 49.77
CA MET A 348 18.58 8.95 51.05
C MET A 348 17.39 8.87 51.99
N ASP A 349 17.60 8.26 53.15
CA ASP A 349 16.54 8.12 54.14
C ASP A 349 16.43 9.43 54.93
N LEU A 350 15.38 9.54 55.74
CA LEU A 350 15.15 10.74 56.54
C LEU A 350 16.36 11.25 57.31
N GLU A 351 17.22 10.34 57.74
CA GLU A 351 18.40 10.72 58.51
C GLU A 351 19.61 11.06 57.63
N LYS A 352 19.48 10.83 56.33
CA LYS A 352 20.57 11.09 55.41
C LYS A 352 21.80 10.25 55.79
N ARG A 353 21.54 9.04 56.27
CA ARG A 353 22.61 8.13 56.65
C ARG A 353 22.93 7.15 55.52
N HIS A 354 21.89 6.52 54.98
CA HIS A 354 22.09 5.56 53.90
C HIS A 354 21.51 6.04 52.57
N VAL A 355 22.06 5.50 51.48
CA VAL A 355 21.59 5.85 50.14
C VAL A 355 20.47 4.89 49.79
N LEU A 356 19.38 5.41 49.26
CA LEU A 356 18.24 4.58 48.90
C LEU A 356 17.80 4.84 47.46
N GLY A 357 17.05 3.90 46.89
CA GLY A 357 16.57 4.07 45.53
C GLY A 357 17.68 4.14 44.49
N ARG A 358 17.37 4.75 43.34
CA ARG A 358 18.35 4.88 42.26
C ARG A 358 17.86 5.76 41.13
N LEU A 359 18.80 6.23 40.33
CA LEU A 359 18.45 7.08 39.20
C LEU A 359 18.21 6.19 37.99
N ILE A 360 17.26 6.60 37.15
CA ILE A 360 16.98 5.89 35.91
C ILE A 360 17.74 6.72 34.87
N THR A 361 17.70 8.03 35.06
CA THR A 361 18.40 8.99 34.21
C THR A 361 19.78 9.10 34.84
N VAL A 362 20.64 8.14 34.53
CA VAL A 362 21.98 8.10 35.10
C VAL A 362 22.88 9.28 34.71
N ASN A 363 23.76 9.64 35.64
CA ASN A 363 24.72 10.72 35.44
C ASN A 363 24.12 11.98 34.83
N PRO A 364 23.20 12.64 35.55
CA PRO A 364 22.56 13.85 35.06
C PRO A 364 23.60 14.98 34.90
N ILE A 365 23.46 15.78 33.85
CA ILE A 365 24.40 16.86 33.59
C ILE A 365 23.73 18.09 33.00
N VAL A 366 24.28 19.26 33.32
CA VAL A 366 23.77 20.52 32.80
C VAL A 366 24.62 20.91 31.59
N THR A 367 24.00 20.94 30.42
CA THR A 367 24.72 21.30 29.21
C THR A 367 24.81 22.82 29.08
N GLU A 368 23.67 23.49 29.27
CA GLU A 368 23.62 24.95 29.24
C GLU A 368 22.92 25.50 30.48
N LYS A 369 23.49 26.55 31.06
CA LYS A 369 22.91 27.18 32.24
C LYS A 369 21.58 27.86 31.90
N ASP A 370 20.56 27.59 32.71
CA ASP A 370 19.19 27.96 32.37
C ASP A 370 18.76 27.32 31.05
N SER A 371 19.01 26.02 30.92
CA SER A 371 18.13 25.15 30.14
C SER A 371 17.71 23.93 30.95
N PRO A 372 16.63 24.08 31.72
CA PRO A 372 16.26 23.06 32.70
C PRO A 372 16.53 21.65 32.21
N VAL A 373 16.87 20.75 33.13
CA VAL A 373 17.09 19.35 32.79
C VAL A 373 16.17 18.43 33.58
N ASN A 374 15.61 17.43 32.90
CA ASN A 374 14.64 16.54 33.51
C ASN A 374 15.40 15.32 34.03
N ILE A 375 15.05 14.89 35.23
CA ILE A 375 15.70 13.73 35.82
C ILE A 375 14.65 12.74 36.31
N GLU A 376 14.79 11.48 35.90
CA GLU A 376 13.88 10.44 36.33
C GLU A 376 14.61 9.62 37.37
N ALA A 377 14.00 9.50 38.56
CA ALA A 377 14.59 8.74 39.65
C ALA A 377 13.57 7.78 40.25
N GLU A 378 14.06 6.75 40.92
CA GLU A 378 13.19 5.77 41.54
C GLU A 378 13.38 5.83 43.07
N PRO A 379 12.55 6.60 43.75
CA PRO A 379 12.65 6.73 45.21
C PRO A 379 12.27 5.41 45.85
N PRO A 380 12.77 5.13 47.06
CA PRO A 380 12.37 3.85 47.65
C PRO A 380 10.95 4.06 48.14
N PHE A 381 10.21 2.97 48.40
CA PHE A 381 8.84 3.11 48.90
C PHE A 381 8.93 3.81 50.26
N GLY A 382 7.93 4.63 50.58
CA GLY A 382 7.95 5.33 51.85
C GLY A 382 8.56 6.73 51.76
N ASP A 383 9.24 7.14 52.84
CA ASP A 383 9.86 8.46 52.89
C ASP A 383 11.33 8.46 52.55
N SER A 384 11.74 9.49 51.82
CA SER A 384 13.13 9.64 51.41
C SER A 384 13.47 11.12 51.19
N TYR A 385 14.76 11.40 51.05
CA TYR A 385 15.23 12.76 50.80
C TYR A 385 15.88 12.82 49.42
N ILE A 386 15.44 13.76 48.59
CA ILE A 386 16.04 13.91 47.28
C ILE A 386 17.04 15.07 47.39
N ILE A 387 18.31 14.74 47.54
CA ILE A 387 19.37 15.75 47.66
C ILE A 387 19.96 16.16 46.33
N ILE A 388 19.56 17.33 45.84
CA ILE A 388 20.01 17.86 44.57
C ILE A 388 21.04 18.97 44.76
N GLY A 389 22.21 18.79 44.13
CA GLY A 389 23.26 19.78 44.23
C GLY A 389 23.99 19.67 45.55
N VAL A 390 24.88 20.63 45.80
CA VAL A 390 25.66 20.67 47.03
C VAL A 390 25.54 22.09 47.56
N GLU A 391 25.56 22.27 48.88
CA GLU A 391 25.44 23.61 49.45
C GLU A 391 26.68 24.45 49.18
N PRO A 392 26.55 25.78 49.21
CA PRO A 392 25.36 26.64 49.44
C PRO A 392 24.04 26.63 48.66
N GLY A 393 22.95 26.44 49.39
CA GLY A 393 21.64 26.20 48.79
C GLY A 393 21.32 24.81 48.27
N GLN A 394 21.84 23.77 48.90
CA GLN A 394 21.55 22.41 48.47
C GLN A 394 20.07 22.10 48.63
N LEU A 395 19.47 21.47 47.62
CA LEU A 395 18.05 21.11 47.68
C LEU A 395 17.85 19.85 48.50
N LYS A 396 16.88 19.89 49.41
CA LYS A 396 16.56 18.75 50.26
C LYS A 396 15.05 18.57 50.18
N LEU A 397 14.62 17.78 49.20
CA LEU A 397 13.21 17.55 48.97
C LEU A 397 12.69 16.30 49.63
N ASN A 398 11.62 16.45 50.41
CA ASN A 398 11.01 15.31 51.09
C ASN A 398 10.13 14.58 50.08
N TRP A 399 10.26 13.26 50.01
CA TRP A 399 9.39 12.53 49.11
C TRP A 399 8.77 11.31 49.78
N PHE A 400 7.49 11.10 49.50
CA PHE A 400 6.77 9.96 50.03
C PHE A 400 6.24 9.13 48.87
N LYS A 401 6.72 7.89 48.76
CA LYS A 401 6.31 7.03 47.67
C LYS A 401 5.30 5.99 48.16
N LYS A 402 4.12 6.06 47.58
CA LYS A 402 3.02 5.16 47.91
C LYS A 402 2.70 4.32 46.67
N PHE B 1 -19.42 10.16 -46.68
CA PHE B 1 -18.67 9.12 -45.91
C PHE B 1 -17.31 8.91 -46.55
N HIS B 2 -16.36 8.37 -45.78
CA HIS B 2 -15.04 8.10 -46.31
C HIS B 2 -15.04 6.67 -46.86
N LEU B 3 -14.70 6.52 -48.14
CA LEU B 3 -14.66 5.19 -48.75
C LEU B 3 -13.24 4.64 -48.65
N THR B 4 -13.09 3.51 -48.00
CA THR B 4 -11.79 2.89 -47.84
C THR B 4 -11.87 1.41 -48.21
N THR B 5 -10.98 0.59 -47.66
CA THR B 5 -10.97 -0.83 -47.98
C THR B 5 -10.69 -1.72 -46.77
N ARG B 6 -11.31 -2.90 -46.76
CA ARG B 6 -11.09 -3.87 -45.69
C ARG B 6 -10.85 -5.21 -46.39
N ASN B 7 -9.60 -5.62 -46.44
CA ASN B 7 -9.23 -6.88 -47.08
C ASN B 7 -9.72 -6.91 -48.52
N GLY B 8 -9.52 -5.80 -49.24
CA GLY B 8 -9.91 -5.74 -50.64
C GLY B 8 -11.36 -5.41 -50.93
N GLU B 9 -12.21 -5.36 -49.92
CA GLU B 9 -13.62 -5.03 -50.15
C GLU B 9 -13.90 -3.58 -49.77
N PRO B 10 -14.89 -2.95 -50.43
CA PRO B 10 -15.18 -1.57 -50.06
C PRO B 10 -15.60 -1.46 -48.59
N HIS B 11 -15.24 -0.34 -47.97
CA HIS B 11 -15.54 -0.09 -46.56
C HIS B 11 -15.97 1.37 -46.35
N MET B 12 -17.20 1.58 -45.93
CA MET B 12 -17.70 2.94 -45.70
C MET B 12 -17.59 3.35 -44.24
N ILE B 13 -17.11 4.58 -44.01
CA ILE B 13 -17.00 5.16 -42.68
C ILE B 13 -18.09 6.23 -42.75
N VAL B 14 -19.17 5.99 -42.03
CA VAL B 14 -20.32 6.86 -42.06
C VAL B 14 -20.45 7.73 -40.82
N SER B 15 -20.66 9.03 -41.05
CA SER B 15 -20.81 10.00 -39.98
C SER B 15 -22.29 10.32 -39.75
N ARG B 16 -22.58 10.95 -38.63
CA ARG B 16 -23.94 11.29 -38.25
C ARG B 16 -24.74 12.02 -39.33
N GLN B 17 -24.11 12.97 -40.01
CA GLN B 17 -24.78 13.75 -41.04
C GLN B 17 -25.38 12.94 -42.18
N GLU B 18 -24.96 11.69 -42.32
CA GLU B 18 -25.46 10.87 -43.41
C GLU B 18 -26.65 9.96 -43.05
N LYS B 19 -27.18 10.11 -41.84
CA LYS B 19 -28.32 9.30 -41.42
C LYS B 19 -29.50 9.53 -42.35
N GLY B 20 -30.08 8.45 -42.87
CA GLY B 20 -31.23 8.60 -43.73
C GLY B 20 -30.99 8.78 -45.22
N LYS B 21 -29.75 8.76 -45.67
CA LYS B 21 -29.54 8.91 -47.10
C LYS B 21 -28.87 7.71 -47.74
N SER B 22 -29.21 7.46 -49.01
CA SER B 22 -28.64 6.35 -49.77
C SER B 22 -27.17 6.61 -49.94
N LEU B 23 -26.36 5.57 -49.72
CA LEU B 23 -24.93 5.67 -49.84
C LEU B 23 -24.52 5.14 -51.21
N LEU B 24 -24.13 6.04 -52.10
CA LEU B 24 -23.73 5.69 -53.45
C LEU B 24 -22.23 5.85 -53.65
N PHE B 25 -21.66 4.94 -54.43
CA PHE B 25 -20.24 5.01 -54.78
C PHE B 25 -19.99 4.10 -55.96
N LYS B 26 -19.15 4.59 -56.88
CA LYS B 26 -18.83 3.84 -58.08
C LYS B 26 -17.88 2.70 -57.75
N THR B 27 -18.01 1.63 -58.52
CA THR B 27 -17.17 0.46 -58.37
C THR B 27 -16.93 -0.04 -59.78
N GLU B 28 -15.90 -0.85 -59.96
CA GLU B 28 -15.60 -1.39 -61.28
C GLU B 28 -16.84 -2.04 -61.90
N ASP B 29 -17.76 -2.50 -61.04
CA ASP B 29 -18.98 -3.16 -61.48
C ASP B 29 -20.17 -2.22 -61.69
N GLY B 30 -19.95 -0.92 -61.55
CA GLY B 30 -21.05 0.02 -61.73
C GLY B 30 -21.31 0.79 -60.44
N VAL B 31 -22.45 1.48 -60.39
CA VAL B 31 -22.79 2.27 -59.20
C VAL B 31 -23.41 1.42 -58.10
N ASN B 32 -22.74 1.36 -56.96
CA ASN B 32 -23.23 0.60 -55.82
C ASN B 32 -24.02 1.49 -54.88
N MET B 33 -25.24 1.07 -54.56
CA MET B 33 -26.10 1.79 -53.64
C MET B 33 -26.35 0.93 -52.41
N CYS B 34 -25.88 1.40 -51.26
CA CYS B 34 -26.06 0.67 -50.03
C CYS B 34 -27.07 1.46 -49.22
N THR B 35 -27.97 0.73 -48.58
CA THR B 35 -29.01 1.31 -47.75
C THR B 35 -28.62 1.04 -46.31
N LEU B 36 -28.61 2.08 -45.49
CA LEU B 36 -28.24 1.97 -44.08
C LEU B 36 -29.45 2.38 -43.23
N MET B 37 -29.97 1.46 -42.43
CA MET B 37 -31.13 1.71 -41.57
C MET B 37 -30.75 1.64 -40.09
N ALA B 38 -29.45 1.66 -39.79
CA ALA B 38 -29.01 1.57 -38.39
C ALA B 38 -29.62 2.65 -37.50
N MET B 39 -30.54 2.24 -36.62
CA MET B 39 -31.20 3.16 -35.70
C MET B 39 -30.21 3.85 -34.76
N ASP B 40 -29.17 3.13 -34.35
CA ASP B 40 -28.17 3.65 -33.42
C ASP B 40 -26.99 4.40 -34.08
N LEU B 41 -27.18 4.80 -35.33
CA LEU B 41 -26.15 5.55 -36.06
C LEU B 41 -25.94 6.90 -35.37
N GLY B 42 -24.77 7.10 -34.79
CA GLY B 42 -24.50 8.37 -34.11
C GLY B 42 -23.29 9.11 -34.66
N GLU B 43 -22.61 9.83 -33.77
CA GLU B 43 -21.42 10.60 -34.14
C GLU B 43 -20.22 9.65 -34.13
N LEU B 44 -19.27 9.89 -35.02
CA LEU B 44 -18.06 9.07 -35.09
C LEU B 44 -17.21 9.31 -33.84
N CYS B 45 -16.96 8.25 -33.08
CA CYS B 45 -16.15 8.35 -31.88
C CYS B 45 -15.46 7.02 -31.62
N GLU B 46 -14.92 6.84 -30.42
CA GLU B 46 -14.23 5.60 -30.08
C GLU B 46 -15.20 4.43 -30.01
N ASP B 47 -16.49 4.74 -29.85
CA ASP B 47 -17.49 3.69 -29.78
C ASP B 47 -18.03 3.42 -31.18
N THR B 48 -17.24 2.73 -31.98
CA THR B 48 -17.67 2.39 -33.33
C THR B 48 -18.09 0.94 -33.42
N ILE B 49 -18.86 0.67 -34.40
CA ILE B 49 -19.10 -0.74 -34.66
C ILE B 49 -18.82 -1.08 -36.12
N THR B 50 -18.43 -2.10 -36.45
CA THR B 50 -18.08 -2.43 -37.81
C THR B 50 -18.67 -3.79 -38.23
N TYR B 51 -19.33 -3.80 -39.38
CA TYR B 51 -19.92 -5.03 -39.88
C TYR B 51 -20.23 -4.94 -41.36
N LYS B 52 -20.67 -6.05 -41.92
CA LYS B 52 -20.95 -6.17 -43.34
C LYS B 52 -22.40 -5.95 -43.78
N CYS B 53 -22.55 -5.24 -44.89
CA CYS B 53 -23.83 -4.96 -45.51
C CYS B 53 -23.83 -5.90 -46.71
N PRO B 54 -24.59 -7.02 -46.64
CA PRO B 54 -24.64 -8.00 -47.72
C PRO B 54 -25.33 -7.56 -49.01
N LEU B 55 -24.96 -8.21 -50.10
CA LEU B 55 -25.56 -7.92 -51.38
C LEU B 55 -26.92 -8.62 -51.39
N LEU B 56 -27.96 -7.84 -51.70
CA LEU B 56 -29.31 -8.37 -51.80
C LEU B 56 -29.76 -8.12 -53.24
N ARG B 57 -30.08 -9.21 -53.95
CA ARG B 57 -30.52 -9.13 -55.34
C ARG B 57 -32.02 -8.91 -55.52
N GLN B 58 -32.83 -9.90 -55.11
CA GLN B 58 -34.28 -9.80 -55.23
C GLN B 58 -34.90 -10.50 -54.03
N ASN B 59 -34.65 -9.95 -52.85
CA ASN B 59 -35.16 -10.50 -51.61
C ASN B 59 -35.31 -9.41 -50.57
N GLU B 60 -36.42 -9.45 -49.84
CA GLU B 60 -36.64 -8.48 -48.78
C GLU B 60 -35.57 -8.68 -47.70
N PRO B 61 -35.10 -7.58 -47.09
CA PRO B 61 -34.08 -7.74 -46.06
C PRO B 61 -34.70 -8.36 -44.80
N GLU B 62 -33.92 -9.15 -44.10
CA GLU B 62 -34.40 -9.79 -42.88
C GLU B 62 -33.29 -9.87 -41.83
N ASP B 63 -33.58 -9.34 -40.65
CA ASP B 63 -32.66 -9.32 -39.52
C ASP B 63 -31.34 -8.58 -39.78
N ILE B 64 -31.39 -7.57 -40.64
CA ILE B 64 -30.22 -6.75 -40.96
C ILE B 64 -30.68 -5.30 -41.08
N ASP B 65 -29.75 -4.36 -40.90
CA ASP B 65 -30.12 -2.96 -41.02
C ASP B 65 -29.19 -2.25 -41.99
N CYS B 66 -28.52 -3.04 -42.86
CA CYS B 66 -27.62 -2.52 -43.90
C CYS B 66 -27.43 -3.58 -44.99
N TRP B 67 -27.55 -3.15 -46.24
CA TRP B 67 -27.38 -4.05 -47.37
C TRP B 67 -27.08 -3.21 -48.60
N CYS B 68 -26.54 -3.85 -49.65
CA CYS B 68 -26.22 -3.15 -50.87
C CYS B 68 -26.82 -3.91 -52.06
N ASN B 69 -26.96 -3.22 -53.18
CA ASN B 69 -27.56 -3.79 -54.37
C ASN B 69 -26.63 -4.29 -55.45
N SER B 70 -25.33 -4.07 -55.31
CA SER B 70 -24.40 -4.50 -56.35
C SER B 70 -23.13 -5.14 -55.80
N THR B 71 -22.62 -4.62 -54.70
CA THR B 71 -21.42 -5.18 -54.10
C THR B 71 -21.50 -5.14 -52.59
N SER B 72 -21.18 -6.28 -51.98
CA SER B 72 -21.19 -6.42 -50.53
C SER B 72 -20.19 -5.39 -49.98
N THR B 73 -20.61 -4.57 -49.01
CA THR B 73 -19.75 -3.53 -48.46
C THR B 73 -19.66 -3.53 -46.92
N TRP B 74 -18.49 -3.22 -46.39
CA TRP B 74 -18.31 -3.14 -44.94
C TRP B 74 -18.75 -1.74 -44.50
N VAL B 75 -19.24 -1.62 -43.27
CA VAL B 75 -19.63 -0.30 -42.78
C VAL B 75 -19.15 -0.09 -41.36
N THR B 76 -18.83 1.16 -41.03
CA THR B 76 -18.39 1.54 -39.70
C THR B 76 -19.03 2.88 -39.36
N TYR B 77 -19.58 3.01 -38.16
CA TYR B 77 -20.13 4.29 -37.70
C TYR B 77 -19.97 4.35 -36.18
N GLY B 78 -20.15 5.55 -35.63
CA GLY B 78 -20.03 5.70 -34.18
C GLY B 78 -21.44 5.74 -33.60
N THR B 79 -21.56 5.54 -32.29
CA THR B 79 -22.88 5.57 -31.66
C THR B 79 -23.05 6.72 -30.66
N CYS B 80 -22.06 7.59 -30.57
CA CYS B 80 -22.09 8.73 -29.66
C CYS B 80 -23.15 9.76 -30.05
N THR B 81 -23.77 10.39 -29.05
CA THR B 81 -24.79 11.40 -29.32
C THR B 81 -24.21 12.79 -29.11
#